data_7HFV
#
_entry.id   7HFV
#
_cell.length_a   88.762
_cell.length_b   88.762
_cell.length_c   39.343
_cell.angle_alpha   90.000
_cell.angle_beta   90.000
_cell.angle_gamma   90.000
#
_symmetry.space_group_name_H-M   'P 43'
#
loop_
_entity.id
_entity.type
_entity.pdbx_description
1 polymer 'Non-structural protein 3'
2 non-polymer (2S,3R)-3-[(7H-pyrrolo[2,3-d]pyrimidin-4-yl)amino]butan-2-ol
3 non-polymer (2R,3R)-3-[(7H-pyrrolo[2,3-d]pyrimidin-4-yl)amino]butan-2-ol
4 non-polymer 'CHLORIDE ION'
5 water water
#
_entity_poly.entity_id   1
_entity_poly.type   'polypeptide(L)'
_entity_poly.pdbx_seq_one_letter_code
;SMVNSFSGYLKLTDNVYIKNADIVEEAKKVKPTVVVNAANVYLKHGGGVAGALNKATNNAMQVESDDYIATNGPLKVGGS
CVLSGHNLAKHCLHVVGPNVNKGEDIQLLKSAYENFNQHEVLLAPLLSAGIFGADPIHSLRVCVDTVRTNVYLAVFDKNL
YDKLVSSFL
;
_entity_poly.pdbx_strand_id   A,B
#
# COMPACT_ATOMS: atom_id res chain seq x y z
N VAL A 3 -0.72 23.72 3.81
N VAL A 3 -0.73 23.72 3.92
CA VAL A 3 -1.87 24.16 3.02
CA VAL A 3 -1.84 24.17 3.07
C VAL A 3 -1.79 23.59 1.60
C VAL A 3 -1.73 23.53 1.69
N ASN A 4 -2.91 23.07 1.11
N ASN A 4 -2.85 22.98 1.21
CA ASN A 4 -3.01 22.57 -0.25
CA ASN A 4 -2.94 22.46 -0.16
C ASN A 4 -4.28 23.14 -0.91
C ASN A 4 -4.18 23.03 -0.83
N SER A 5 -4.47 22.79 -2.18
N SER A 5 -4.35 22.69 -2.11
CA SER A 5 -5.51 23.39 -3.01
CA SER A 5 -5.35 23.31 -2.96
C SER A 5 -6.79 22.56 -3.07
C SER A 5 -6.66 22.53 -3.03
N PHE A 6 -6.92 21.54 -2.24
N PHE A 6 -6.77 21.41 -2.31
CA PHE A 6 -8.18 20.80 -2.17
CA PHE A 6 -8.05 20.71 -2.23
C PHE A 6 -9.25 21.66 -1.50
C PHE A 6 -9.07 21.60 -1.53
N SER A 7 -10.46 21.63 -2.07
N SER A 7 -10.13 21.97 -2.25
CA SER A 7 -11.52 22.56 -1.68
CA SER A 7 -11.11 22.94 -1.77
C SER A 7 -12.83 21.83 -1.45
C SER A 7 -12.50 22.33 -1.78
N GLY A 8 -13.55 22.25 -0.42
N GLY A 8 -13.28 22.67 -0.76
CA GLY A 8 -14.90 21.74 -0.18
CA GLY A 8 -14.66 22.21 -0.67
C GLY A 8 -14.98 20.38 0.46
C GLY A 8 -14.84 20.87 0.01
N TYR A 9 -13.91 19.90 1.07
N TYR A 9 -13.80 20.31 0.61
CA TYR A 9 -13.88 18.58 1.70
CA TYR A 9 -13.90 19.00 1.24
C TYR A 9 -14.38 18.66 3.14
C TYR A 9 -14.38 19.15 2.68
N LEU A 10 -15.10 17.62 3.56
N LEU A 10 -15.11 18.13 3.14
CA LEU A 10 -15.44 17.43 4.95
CA LEU A 10 -15.47 17.97 4.54
C LEU A 10 -14.29 16.66 5.61
C LEU A 10 -14.35 17.21 5.23
N LYS A 11 -13.87 17.13 6.79
N LYS A 11 -13.89 17.73 6.36
CA LYS A 11 -12.78 16.51 7.52
CA LYS A 11 -12.84 17.06 7.12
C LYS A 11 -13.35 15.39 8.39
C LYS A 11 -13.45 15.95 7.96
N LEU A 12 -12.92 14.15 8.14
N LEU A 12 -12.98 14.71 7.74
CA LEU A 12 -13.40 13.04 8.96
CA LEU A 12 -13.48 13.56 8.47
C LEU A 12 -12.49 12.77 10.15
C LEU A 12 -12.64 13.23 9.70
N THR A 13 -11.18 12.86 9.96
N THR A 13 -11.32 13.18 9.53
CA THR A 13 -10.17 12.60 10.98
CA THR A 13 -10.41 12.86 10.63
C THR A 13 -9.01 13.57 10.77
C THR A 13 -9.19 13.77 10.53
N ASP A 14 -7.95 13.38 11.55
N ASP A 14 -8.20 13.44 11.35
CA ASP A 14 -6.77 14.23 11.40
CA ASP A 14 -6.93 14.15 11.34
C ASP A 14 -6.31 14.27 9.94
C ASP A 14 -6.27 14.13 9.95
N ASN A 15 -6.38 13.14 9.24
N ASN A 15 -6.55 13.09 9.14
CA ASN A 15 -5.76 13.01 7.93
CA ASN A 15 -5.86 12.96 7.86
C ASN A 15 -6.68 12.51 6.81
C ASN A 15 -6.74 12.73 6.64
N VAL A 16 -7.95 12.21 7.09
N VAL A 16 -8.06 12.59 6.81
CA VAL A 16 -8.90 11.73 6.08
CA VAL A 16 -8.95 12.20 5.73
C VAL A 16 -9.99 12.76 5.84
C VAL A 16 -9.97 13.30 5.48
N TYR A 17 -10.21 13.08 4.57
N TYR A 17 -10.15 13.66 4.20
CA TYR A 17 -11.17 14.07 4.10
CA TYR A 17 -11.11 14.66 3.75
C TYR A 17 -12.04 13.43 3.01
C TYR A 17 -11.96 14.07 2.65
N ILE A 18 -13.26 13.92 2.85
N ILE A 18 -13.19 14.55 2.48
CA ILE A 18 -14.22 13.31 1.93
CA ILE A 18 -14.13 13.94 1.54
C ILE A 18 -15.09 14.36 1.26
C ILE A 18 -14.95 15.03 0.84
N LYS A 19 -15.47 14.10 0.01
N LYS A 19 -15.23 14.79 -0.44
CA LYS A 19 -16.25 15.04 -0.79
CA LYS A 19 -16.01 15.70 -1.27
C LYS A 19 -17.07 14.28 -1.84
C LYS A 19 -16.87 14.87 -2.22
N ASN A 20 -18.26 14.80 -2.14
N ASN A 20 -18.15 15.20 -2.33
CA ASN A 20 -19.04 14.33 -3.28
CA ASN A 20 -19.03 14.54 -3.28
C ASN A 20 -18.48 14.99 -4.53
C ASN A 20 -18.66 15.00 -4.69
N ALA A 21 -17.78 14.22 -5.37
N ALA A 21 -17.83 14.21 -5.37
CA ALA A 21 -17.15 14.81 -6.54
CA ALA A 21 -17.33 14.61 -6.67
C ALA A 21 -16.77 13.70 -7.52
C ALA A 21 -16.83 13.39 -7.43
N ASP A 22 -16.69 14.08 -8.79
N ASP A 22 -16.72 13.56 -8.75
CA ASP A 22 -16.17 13.21 -9.84
CA ASP A 22 -16.04 12.62 -9.62
C ASP A 22 -14.65 13.31 -9.82
C ASP A 22 -14.53 12.82 -9.46
N ILE A 23 -13.99 12.20 -9.49
N ILE A 23 -13.82 11.73 -9.16
CA ILE A 23 -12.53 12.21 -9.35
CA ILE A 23 -12.37 11.80 -8.97
C ILE A 23 -11.85 12.69 -10.62
C ILE A 23 -11.69 12.34 -10.21
N VAL A 24 -12.44 12.45 -11.78
N VAL A 24 -12.26 12.08 -11.39
CA VAL A 24 -11.87 12.94 -13.03
CA VAL A 24 -11.69 12.61 -12.63
C VAL A 24 -11.87 14.46 -13.05
C VAL A 24 -11.80 14.12 -12.64
N GLU A 25 -13.02 15.07 -12.75
N GLU A 25 -12.92 14.67 -12.19
CA GLU A 25 -13.10 16.53 -12.74
CA GLU A 25 -13.07 16.12 -12.15
C GLU A 25 -12.28 17.12 -11.60
C GLU A 25 -12.21 16.73 -11.06
N GLU A 26 -12.22 16.44 -10.46
N GLU A 26 -12.13 16.08 -9.89
CA GLU A 26 -11.38 16.90 -9.36
CA GLU A 26 -11.20 16.54 -8.87
C GLU A 26 -9.91 16.93 -9.78
C GLU A 26 -9.77 16.54 -9.40
N ALA A 27 -9.42 15.84 -10.38
N ALA A 27 -9.43 15.53 -10.21
CA ALA A 27 -8.01 15.76 -10.75
CA ALA A 27 -8.10 15.50 -10.81
C ALA A 27 -7.65 16.85 -11.75
C ALA A 27 -7.92 16.60 -11.85
N LYS A 28 -8.51 17.07 -12.75
N LYS A 28 -8.91 16.77 -12.73
CA LYS A 28 -8.25 18.12 -13.73
CA LYS A 28 -8.76 17.72 -13.82
C LYS A 28 -8.17 19.48 -13.05
C LYS A 28 -8.53 19.15 -13.33
N LYS A 29 -9.03 19.73 -12.07
N LYS A 29 -8.96 19.48 -12.12
CA LYS A 29 -9.02 21.02 -11.38
CA LYS A 29 -8.84 20.83 -11.58
C LYS A 29 -7.80 21.16 -10.47
C LYS A 29 -7.64 20.99 -10.66
N VAL A 30 -7.53 20.13 -9.65
CA VAL A 30 -6.46 20.25 -8.67
C VAL A 30 -5.09 19.95 -9.28
N LYS A 31 -5.04 19.00 -10.21
CA LYS A 31 -3.78 18.45 -10.69
C LYS A 31 -2.89 18.02 -9.52
N PRO A 32 -3.35 17.07 -8.71
CA PRO A 32 -2.61 16.70 -7.50
C PRO A 32 -1.33 15.97 -7.86
N THR A 33 -0.45 15.87 -6.85
CA THR A 33 0.77 15.09 -7.02
C THR A 33 0.46 13.64 -7.34
N VAL A 34 -0.53 13.07 -6.65
CA VAL A 34 -0.90 11.66 -6.81
C VAL A 34 -2.42 11.56 -6.92
N VAL A 35 -2.90 10.97 -8.02
CA VAL A 35 -4.27 10.47 -8.11
C VAL A 35 -4.22 8.95 -8.03
N VAL A 36 -5.10 8.37 -7.24
CA VAL A 36 -5.21 6.92 -7.12
C VAL A 36 -6.21 6.40 -8.12
N ASN A 37 -5.82 5.36 -8.87
CA ASN A 37 -6.72 4.61 -9.72
C ASN A 37 -7.16 3.33 -9.03
N ALA A 38 -8.46 3.03 -9.17
N ALA A 38 -8.45 3.01 -9.13
CA ALA A 38 -9.03 1.74 -8.79
CA ALA A 38 -8.97 1.74 -8.66
C ALA A 38 -8.72 0.71 -9.89
C ALA A 38 -8.75 0.70 -9.75
N ALA A 39 -7.53 0.12 -9.78
N ALA A 39 -7.50 0.27 -9.88
CA ALA A 39 -6.98 -0.75 -10.81
CA ALA A 39 -7.06 -0.57 -10.98
C ALA A 39 -7.33 -2.22 -10.58
C ALA A 39 -7.35 -2.05 -10.67
N ASN A 40 -7.20 -3.01 -11.64
N ASN A 40 -7.23 -2.86 -11.72
CA ASN A 40 -7.15 -4.46 -11.55
CA ASN A 40 -7.18 -4.31 -11.59
C ASN A 40 -5.73 -4.94 -11.88
C ASN A 40 -5.76 -4.79 -11.88
N VAL A 41 -5.45 -6.21 -11.63
N VAL A 41 -5.53 -6.08 -11.67
CA VAL A 41 -4.06 -6.69 -11.73
CA VAL A 41 -4.18 -6.62 -11.72
C VAL A 41 -3.52 -6.61 -13.14
C VAL A 41 -3.56 -6.46 -13.11
N TYR A 42 -4.39 -6.51 -14.15
CA TYR A 42 -3.94 -6.42 -15.53
C TYR A 42 -3.84 -5.00 -16.03
N LEU A 43 -4.17 -4.02 -15.19
N LEU A 43 -4.18 -4.02 -15.20
CA LEU A 43 -4.23 -2.62 -15.59
CA LEU A 43 -4.28 -2.62 -15.60
C LEU A 43 -5.08 -2.44 -16.85
C LEU A 43 -5.16 -2.46 -16.85
N LYS A 44 -6.17 -3.18 -16.94
N LYS A 44 -6.27 -3.19 -16.87
CA LYS A 44 -7.15 -3.03 -18.02
CA LYS A 44 -7.28 -3.05 -17.93
C LYS A 44 -8.23 -2.09 -17.52
C LYS A 44 -8.30 -2.03 -17.46
N HIS A 45 -8.18 -0.84 -17.99
N HIS A 45 -8.18 -0.80 -17.94
CA HIS A 45 -8.96 0.25 -17.42
CA HIS A 45 -9.02 0.31 -17.48
C HIS A 45 -10.28 0.40 -18.18
C HIS A 45 -10.28 0.37 -18.32
N GLY A 46 -11.15 -0.59 -17.99
N GLY A 46 -11.28 -0.40 -17.91
CA GLY A 46 -12.32 -0.73 -18.84
CA GLY A 46 -12.51 -0.49 -18.69
C GLY A 46 -13.57 -0.01 -18.36
C GLY A 46 -13.62 0.43 -18.22
N GLY A 47 -13.72 0.13 -17.05
N GLY A 47 -13.82 0.53 -16.91
CA GLY A 47 -14.95 0.66 -16.48
CA GLY A 47 -14.97 1.24 -16.38
C GLY A 47 -14.69 1.14 -15.07
C GLY A 47 -14.72 1.75 -14.99
N GLY A 48 -15.76 1.63 -14.43
N GLY A 48 -15.77 2.32 -14.40
CA GLY A 48 -15.58 2.20 -13.12
CA GLY A 48 -15.65 2.92 -13.08
C GLY A 48 -14.67 3.40 -13.15
C GLY A 48 -14.56 3.98 -13.06
N VAL A 49 -14.05 3.68 -12.00
N VAL A 49 -13.82 4.02 -11.95
CA VAL A 49 -13.09 4.79 -11.91
CA VAL A 49 -12.74 4.98 -11.82
C VAL A 49 -11.99 4.65 -12.95
C VAL A 49 -11.73 4.81 -12.95
N ALA A 50 -11.46 3.43 -13.12
N ALA A 50 -11.31 3.56 -13.20
CA ALA A 50 -10.35 3.24 -14.04
CA ALA A 50 -10.23 3.33 -14.15
C ALA A 50 -10.75 3.55 -15.47
C ALA A 50 -10.63 3.76 -15.56
N GLY A 51 -11.92 3.08 -15.90
N GLY A 51 -11.80 3.32 -16.02
CA GLY A 51 -12.39 3.40 -17.23
CA GLY A 51 -12.25 3.71 -17.35
C GLY A 51 -12.55 4.89 -17.43
C GLY A 51 -12.41 5.22 -17.46
N ALA A 52 -13.03 5.60 -16.41
N ALA A 52 -12.89 5.85 -16.40
CA ALA A 52 -13.23 7.04 -16.53
CA ALA A 52 -13.10 7.29 -16.43
C ALA A 52 -11.90 7.78 -16.52
C ALA A 52 -11.78 8.06 -16.48
N LEU A 53 -10.97 7.41 -15.62
N LEU A 53 -10.82 7.67 -15.64
CA LEU A 53 -9.67 8.06 -15.61
CA LEU A 53 -9.50 8.29 -15.72
C LEU A 53 -8.96 7.87 -16.95
C LEU A 53 -8.87 8.05 -17.08
N ASN A 54 -9.01 6.66 -17.49
N ASN A 54 -8.87 6.79 -17.53
CA ASN A 54 -8.30 6.40 -18.73
CA ASN A 54 -8.22 6.49 -18.80
C ASN A 54 -8.89 7.21 -19.88
C ASN A 54 -8.89 7.22 -19.95
N LYS A 55 -10.22 7.28 -19.96
CA LYS A 55 -10.89 8.05 -21.00
C LYS A 55 -10.43 9.51 -20.97
N ALA A 56 -10.29 10.08 -19.76
CA ALA A 56 -9.86 11.45 -19.64
C ALA A 56 -8.43 11.68 -20.14
N THR A 57 -7.60 10.63 -20.16
CA THR A 57 -6.26 10.71 -20.73
C THR A 57 -6.22 10.37 -22.22
N ASN A 58 -7.38 10.23 -22.86
CA ASN A 58 -7.40 9.92 -24.30
C ASN A 58 -6.73 8.57 -24.58
N ASN A 59 -6.81 7.63 -23.64
CA ASN A 59 -6.27 6.26 -23.72
C ASN A 59 -4.76 6.22 -23.48
N ALA A 60 -4.11 7.34 -23.19
CA ALA A 60 -2.67 7.29 -22.92
C ALA A 60 -2.35 6.47 -21.67
N MET A 61 -3.23 6.51 -20.67
CA MET A 61 -3.03 5.66 -19.49
C MET A 61 -3.00 4.19 -19.88
N GLN A 62 -3.91 3.76 -20.75
CA GLN A 62 -3.95 2.36 -21.17
C GLN A 62 -2.71 1.97 -21.94
N VAL A 63 -2.25 2.84 -22.85
CA VAL A 63 -1.05 2.55 -23.63
C VAL A 63 0.15 2.37 -22.70
N GLU A 64 0.32 3.29 -21.74
CA GLU A 64 1.41 3.17 -20.79
C GLU A 64 1.28 1.89 -19.97
N SER A 65 0.05 1.59 -19.55
CA SER A 65 -0.20 0.43 -18.71
C SER A 65 0.12 -0.87 -19.45
N ASP A 66 -0.22 -0.95 -20.73
CA ASP A 66 0.04 -2.18 -21.48
C ASP A 66 1.53 -2.44 -21.59
N ASP A 67 2.33 -1.38 -21.77
CA ASP A 67 3.77 -1.53 -21.77
C ASP A 67 4.27 -1.96 -20.40
N TYR A 68 3.71 -1.39 -19.32
CA TYR A 68 4.10 -1.81 -17.97
C TYR A 68 3.85 -3.30 -17.75
N ILE A 69 2.68 -3.79 -18.15
CA ILE A 69 2.35 -5.21 -17.94
C ILE A 69 3.22 -6.10 -18.81
N ALA A 70 3.48 -5.69 -20.05
CA ALA A 70 4.32 -6.47 -20.93
C ALA A 70 5.72 -6.66 -20.34
N THR A 71 6.20 -5.68 -19.59
CA THR A 71 7.53 -5.74 -19.00
C THR A 71 7.53 -6.45 -17.65
N ASN A 72 6.51 -6.22 -16.82
CA ASN A 72 6.54 -6.59 -15.41
C ASN A 72 5.56 -7.68 -15.03
N GLY A 73 4.58 -7.99 -15.87
CA GLY A 73 3.55 -8.91 -15.48
C GLY A 73 2.51 -8.25 -14.59
N PRO A 74 1.47 -9.01 -14.23
CA PRO A 74 0.37 -8.43 -13.47
C PRO A 74 0.78 -8.00 -12.05
N LEU A 75 0.04 -7.03 -11.53
CA LEU A 75 0.15 -6.69 -10.12
C LEU A 75 -0.45 -7.81 -9.26
N LYS A 76 -0.20 -7.70 -7.96
CA LYS A 76 -0.89 -8.51 -6.95
C LYS A 76 -2.16 -7.81 -6.50
N VAL A 77 -3.18 -8.59 -6.16
CA VAL A 77 -4.31 -8.02 -5.43
C VAL A 77 -3.78 -7.51 -4.09
N GLY A 78 -4.09 -6.25 -3.79
CA GLY A 78 -3.52 -5.57 -2.64
C GLY A 78 -2.29 -4.76 -2.97
N GLY A 79 -1.76 -4.87 -4.18
CA GLY A 79 -0.55 -4.19 -4.57
C GLY A 79 -0.82 -2.95 -5.40
N SER A 80 0.27 -2.35 -5.88
CA SER A 80 0.18 -1.07 -6.59
C SER A 80 1.41 -0.89 -7.47
N CYS A 81 1.30 0.08 -8.37
CA CYS A 81 2.45 0.60 -9.07
C CYS A 81 2.22 2.08 -9.32
N VAL A 82 3.31 2.82 -9.44
CA VAL A 82 3.30 4.25 -9.75
C VAL A 82 3.59 4.42 -11.23
N LEU A 83 2.68 5.07 -11.94
CA LEU A 83 2.85 5.40 -13.35
C LEU A 83 2.56 6.89 -13.51
N SER A 84 2.59 7.35 -14.76
CA SER A 84 2.34 8.76 -15.02
C SER A 84 0.90 9.14 -14.67
N GLY A 85 0.72 10.37 -14.23
CA GLY A 85 -0.60 10.95 -14.07
C GLY A 85 -1.15 11.58 -15.32
N HIS A 86 -0.37 11.63 -16.40
CA HIS A 86 -0.80 12.15 -17.70
C HIS A 86 -1.29 13.59 -17.51
N ASN A 87 -2.43 13.97 -18.06
CA ASN A 87 -2.97 15.31 -17.94
C ASN A 87 -3.76 15.53 -16.64
N LEU A 88 -3.81 14.54 -15.75
CA LEU A 88 -4.67 14.59 -14.59
C LEU A 88 -3.94 14.85 -13.28
N ALA A 89 -2.66 14.48 -13.18
CA ALA A 89 -1.90 14.53 -11.95
C ALA A 89 -0.44 14.34 -12.34
N LYS A 90 0.46 14.59 -11.39
CA LYS A 90 1.86 14.26 -11.66
C LYS A 90 2.02 12.75 -11.82
N HIS A 91 1.52 11.98 -10.86
CA HIS A 91 1.61 10.54 -10.83
C HIS A 91 0.22 9.93 -10.66
N CYS A 92 0.06 8.71 -11.19
CA CYS A 92 -1.07 7.88 -10.86
C CYS A 92 -0.60 6.66 -10.08
N LEU A 93 -1.12 6.49 -8.88
CA LEU A 93 -0.89 5.29 -8.09
C LEU A 93 -2.01 4.31 -8.40
N HIS A 94 -1.70 3.30 -9.20
CA HIS A 94 -2.66 2.25 -9.54
C HIS A 94 -2.69 1.25 -8.39
N VAL A 95 -3.81 1.16 -7.68
CA VAL A 95 -3.94 0.30 -6.50
C VAL A 95 -5.02 -0.72 -6.78
N VAL A 96 -4.71 -1.99 -6.51
N VAL A 96 -4.73 -1.99 -6.53
CA VAL A 96 -5.65 -3.09 -6.71
CA VAL A 96 -5.67 -3.07 -6.81
C VAL A 96 -6.27 -3.46 -5.37
C VAL A 96 -6.36 -3.46 -5.50
N GLY A 97 -7.51 -3.08 -5.16
N GLY A 97 -7.58 -2.99 -5.32
CA GLY A 97 -8.30 -3.62 -4.08
CA GLY A 97 -8.42 -3.47 -4.24
C GLY A 97 -8.94 -4.92 -4.53
C GLY A 97 -8.99 -4.82 -4.57
N PRO A 98 -9.39 -5.75 -3.59
N PRO A 98 -9.20 -5.67 -3.57
CA PRO A 98 -10.10 -6.98 -3.97
CA PRO A 98 -9.80 -6.98 -3.82
C PRO A 98 -11.41 -6.66 -4.67
C PRO A 98 -11.19 -6.85 -4.42
N ASN A 99 -11.73 -7.47 -5.69
N ASN A 99 -11.45 -7.68 -5.43
CA ASN A 99 -12.99 -7.38 -6.43
CA ASN A 99 -12.76 -7.73 -6.06
C ASN A 99 -13.92 -8.48 -5.93
C ASN A 99 -13.58 -8.83 -5.41
N VAL A 100 -14.91 -8.10 -5.11
N VAL A 100 -14.65 -8.45 -4.72
CA VAL A 100 -15.81 -9.06 -4.50
CA VAL A 100 -15.46 -9.41 -3.98
C VAL A 100 -16.58 -9.85 -5.56
C VAL A 100 -16.18 -10.37 -4.90
N ASN A 101 -16.89 -9.21 -6.68
N ASN A 101 -16.48 -9.95 -6.13
CA ASN A 101 -17.54 -9.92 -7.77
CA ASN A 101 -17.17 -10.82 -7.07
C ASN A 101 -16.60 -10.91 -8.47
C ASN A 101 -16.28 -11.95 -7.60
N LYS A 102 -15.36 -11.06 -7.98
N LYS A 102 -14.95 -11.79 -7.52
CA LYS A 102 -14.44 -12.11 -8.42
CA LYS A 102 -14.01 -12.81 -7.99
C LYS A 102 -14.12 -13.11 -7.31
C LYS A 102 -13.50 -13.70 -6.86
N GLY A 103 -14.71 -12.96 -6.12
N GLY A 103 -14.19 -13.71 -5.72
CA GLY A 103 -14.41 -13.86 -5.02
CA GLY A 103 -13.77 -14.55 -4.60
C GLY A 103 -13.16 -13.52 -4.24
C GLY A 103 -12.58 -14.03 -3.82
N GLU A 104 -12.61 -12.32 -4.41
N GLU A 104 -12.17 -12.80 -4.05
CA GLU A 104 -11.32 -11.99 -3.81
CA GLU A 104 -10.97 -12.27 -3.42
C GLU A 104 -11.48 -11.56 -2.35
C GLU A 104 -11.14 -12.11 -1.91
N ASP A 105 -10.49 -11.92 -1.54
N ASP A 105 -10.05 -12.31 -1.19
CA ASP A 105 -10.56 -11.81 -0.10
CA ASP A 105 -10.05 -12.13 0.25
C ASP A 105 -10.61 -10.34 0.32
C ASP A 105 -10.38 -10.67 0.59
N ILE A 106 -11.73 -9.93 0.92
N ILE A 106 -11.35 -10.48 1.48
CA ILE A 106 -11.88 -8.55 1.36
CA ILE A 106 -11.76 -9.13 1.84
C ILE A 106 -10.83 -8.17 2.39
C ILE A 106 -10.74 -8.45 2.76
N GLN A 107 -10.25 -9.14 3.09
N GLN A 107 -9.95 -9.22 3.50
CA GLN A 107 -9.15 -8.86 4.01
CA GLN A 107 -8.89 -8.64 4.32
C GLN A 107 -8.00 -8.17 3.31
C GLN A 107 -7.84 -7.93 3.48
N LEU A 108 -7.86 -8.33 1.99
N LEU A 108 -7.73 -8.29 2.20
CA LEU A 108 -6.81 -7.65 1.25
CA LEU A 108 -6.77 -7.64 1.31
C LEU A 108 -7.06 -6.16 1.09
C LEU A 108 -7.04 -6.17 1.12
N LEU A 109 -8.22 -5.67 1.51
CA LEU A 109 -8.49 -4.25 1.39
C LEU A 109 -7.52 -3.43 2.24
N LYS A 110 -7.18 -3.90 3.44
CA LYS A 110 -6.23 -3.16 4.26
C LYS A 110 -4.88 -3.10 3.59
N SER A 111 -4.40 -4.22 3.03
CA SER A 111 -3.13 -4.20 2.31
C SER A 111 -3.17 -3.20 1.15
N ALA A 112 -4.29 -3.12 0.45
CA ALA A 112 -4.42 -2.18 -0.67
C ALA A 112 -4.27 -0.74 -0.16
N TYR A 113 -4.95 -0.40 0.94
CA TYR A 113 -4.84 0.96 1.47
C TYR A 113 -3.44 1.27 1.99
N GLU A 114 -2.69 0.27 2.45
CA GLU A 114 -1.34 0.54 2.95
C GLU A 114 -0.46 1.18 1.88
N ASN A 115 -0.74 0.93 0.60
CA ASN A 115 0.03 1.58 -0.46
C ASN A 115 -0.06 3.10 -0.36
N PHE A 116 -1.17 3.64 0.14
CA PHE A 116 -1.32 5.09 0.22
C PHE A 116 -0.27 5.70 1.14
N ASN A 117 0.23 4.95 2.12
CA ASN A 117 1.14 5.50 3.11
C ASN A 117 2.50 5.85 2.53
N GLN A 118 2.79 5.43 1.30
CA GLN A 118 4.02 5.79 0.63
C GLN A 118 3.97 7.16 -0.03
N HIS A 119 2.86 7.90 0.13
CA HIS A 119 2.67 9.19 -0.52
C HIS A 119 2.08 10.16 0.49
N GLU A 120 2.66 11.36 0.57
CA GLU A 120 2.28 12.29 1.63
C GLU A 120 0.85 12.79 1.48
N VAL A 121 0.40 12.99 0.24
CA VAL A 121 -0.93 13.53 -0.05
C VAL A 121 -1.46 12.82 -1.31
N LEU A 122 -2.73 12.42 -1.28
CA LEU A 122 -3.32 11.73 -2.42
C LEU A 122 -4.78 12.12 -2.60
N LEU A 123 -5.21 12.15 -3.86
N LEU A 123 -5.21 12.15 -3.86
CA LEU A 123 -6.61 12.21 -4.24
CA LEU A 123 -6.62 12.11 -4.23
C LEU A 123 -7.03 10.80 -4.65
C LEU A 123 -6.96 10.65 -4.52
N ALA A 124 -8.11 10.29 -4.07
N ALA A 124 -8.05 10.15 -3.94
CA ALA A 124 -8.41 8.88 -4.23
CA ALA A 124 -8.26 8.71 -3.95
C ALA A 124 -9.90 8.59 -4.23
C ALA A 124 -9.74 8.33 -3.95
N PRO A 125 -10.31 7.49 -4.85
N PRO A 125 -10.09 7.19 -4.54
CA PRO A 125 -11.64 6.94 -4.63
CA PRO A 125 -11.46 6.66 -4.45
C PRO A 125 -11.58 5.96 -3.46
C PRO A 125 -11.57 5.63 -3.34
N LEU A 126 -12.75 5.52 -3.03
N LEU A 126 -12.81 5.26 -3.01
CA LEU A 126 -12.83 4.44 -2.06
CA LEU A 126 -13.07 4.18 -2.07
C LEU A 126 -12.48 3.12 -2.73
C LEU A 126 -12.72 2.85 -2.74
N LEU A 127 -11.47 2.43 -2.19
N LEU A 127 -11.57 2.30 -2.39
CA LEU A 127 -11.01 1.17 -2.78
CA LEU A 127 -11.13 1.06 -3.02
C LEU A 127 -12.08 0.10 -2.64
C LEU A 127 -12.09 -0.08 -2.72
N SER A 128 -12.20 -0.71 -3.69
N SER A 128 -12.25 -0.95 -3.71
CA SER A 128 -13.12 -1.84 -3.78
CA SER A 128 -13.06 -2.17 -3.65
C SER A 128 -14.59 -1.42 -3.79
C SER A 128 -14.56 -1.91 -3.70
N ALA A 129 -14.88 -0.13 -3.84
N ALA A 129 -14.97 -0.64 -3.67
CA ALA A 129 -16.27 0.33 -3.95
CA ALA A 129 -16.38 -0.29 -3.75
C ALA A 129 -16.73 0.22 -5.41
C ALA A 129 -16.77 -0.01 -5.20
N GLY A 130 -17.96 0.63 -5.68
N GLY A 130 -17.94 0.59 -5.42
CA GLY A 130 -18.46 0.56 -7.04
CA GLY A 130 -18.42 0.80 -6.77
C GLY A 130 -18.44 -0.87 -7.57
C GLY A 130 -18.56 -0.52 -7.51
N ILE A 131 -17.94 -1.03 -8.79
N ILE A 131 -18.13 -0.52 -8.77
CA ILE A 131 -18.01 -2.31 -9.49
CA ILE A 131 -18.21 -1.73 -9.60
C ILE A 131 -17.15 -3.40 -8.88
C ILE A 131 -17.33 -2.85 -9.07
N PHE A 132 -16.28 -3.05 -7.93
N PHE A 132 -16.48 -2.59 -8.09
CA PHE A 132 -15.50 -4.06 -7.22
CA PHE A 132 -15.68 -3.65 -7.49
C PHE A 132 -16.30 -4.77 -6.13
C PHE A 132 -16.45 -4.48 -6.46
N GLY A 133 -17.51 -4.29 -5.82
N GLY A 133 -17.61 -4.03 -6.01
CA GLY A 133 -18.47 -5.08 -5.08
CA GLY A 133 -18.56 -4.90 -5.33
C GLY A 133 -18.40 -5.02 -3.57
C GLY A 133 -18.55 -4.89 -3.82
N ALA A 134 -17.49 -4.25 -2.98
N ALA A 134 -17.59 -4.22 -3.18
CA ALA A 134 -17.42 -4.18 -1.53
CA ALA A 134 -17.57 -4.25 -1.72
C ALA A 134 -18.37 -3.11 -0.98
C ALA A 134 -18.40 -3.12 -1.12
N ASP A 135 -18.60 -3.19 0.33
N ASP A 135 -18.69 -3.26 0.17
CA ASP A 135 -19.41 -2.20 1.02
CA ASP A 135 -19.49 -2.30 0.91
C ASP A 135 -18.62 -0.92 1.18
C ASP A 135 -18.73 -0.98 1.03
N PRO A 136 -19.05 0.20 0.61
N PRO A 136 -19.21 0.11 0.44
CA PRO A 136 -18.27 1.45 0.75
CA PRO A 136 -18.45 1.37 0.49
C PRO A 136 -18.13 1.94 2.17
C PRO A 136 -18.29 1.93 1.91
N ILE A 137 -19.12 1.69 3.04
N ILE A 137 -19.24 1.67 2.80
CA ILE A 137 -18.97 2.05 4.44
CA ILE A 137 -19.09 2.10 4.19
C ILE A 137 -17.80 1.29 5.05
C ILE A 137 -17.86 1.45 4.80
N HIS A 138 -17.67 0.01 4.72
N HIS A 138 -17.71 0.15 4.59
CA HIS A 138 -16.50 -0.74 5.16
CA HIS A 138 -16.58 -0.59 5.15
C HIS A 138 -15.21 -0.17 4.56
C HIS A 138 -15.26 -0.10 4.58
N SER A 139 -15.22 0.16 3.28
CA SER A 139 -14.01 0.69 2.66
C SER A 139 -13.57 1.99 3.34
N LEU A 140 -14.51 2.87 3.67
CA LEU A 140 -14.14 4.11 4.33
C LEU A 140 -13.55 3.83 5.72
N ARG A 141 -14.13 2.86 6.43
CA ARG A 141 -13.61 2.50 7.75
C ARG A 141 -12.17 1.99 7.65
N VAL A 142 -11.92 1.09 6.69
CA VAL A 142 -10.56 0.58 6.52
C VAL A 142 -9.61 1.71 6.14
N CYS A 143 -10.05 2.61 5.26
CA CYS A 143 -9.21 3.74 4.88
C CYS A 143 -8.80 4.53 6.11
N VAL A 144 -9.77 4.93 6.93
CA VAL A 144 -9.48 5.76 8.09
C VAL A 144 -8.56 5.04 9.07
N ASP A 145 -8.73 3.73 9.21
CA ASP A 145 -7.95 2.95 10.17
C ASP A 145 -6.62 2.46 9.61
N THR A 146 -6.30 2.74 8.36
CA THR A 146 -5.08 2.24 7.72
C THR A 146 -4.20 3.36 7.19
N VAL A 147 -4.78 4.33 6.50
CA VAL A 147 -4.01 5.40 5.88
C VAL A 147 -3.65 6.43 6.94
N ARG A 148 -2.36 6.76 7.00
CA ARG A 148 -1.85 7.77 7.92
C ARG A 148 -1.44 9.05 7.23
N THR A 149 -1.24 9.00 5.92
CA THR A 149 -0.95 10.17 5.13
C THR A 149 -2.25 10.88 4.78
N ASN A 150 -2.14 12.03 4.13
CA ASN A 150 -3.29 12.91 3.91
C ASN A 150 -4.05 12.46 2.66
N VAL A 151 -5.27 11.97 2.85
CA VAL A 151 -6.06 11.41 1.75
C VAL A 151 -7.34 12.22 1.56
N TYR A 152 -7.60 12.57 0.32
N TYR A 152 -7.57 12.63 0.32
CA TYR A 152 -8.80 13.28 -0.10
CA TYR A 152 -8.70 13.44 -0.11
C TYR A 152 -9.64 12.31 -0.91
C TYR A 152 -9.53 12.57 -1.05
N LEU A 153 -10.73 11.83 -0.31
N LEU A 153 -10.74 12.24 -0.60
CA LEU A 153 -11.60 10.83 -0.91
CA LEU A 153 -11.59 11.28 -1.29
C LEU A 153 -12.70 11.50 -1.73
C LEU A 153 -12.66 12.00 -2.09
N ALA A 154 -12.78 11.15 -3.00
N ALA A 154 -12.82 11.61 -3.35
CA ALA A 154 -13.81 11.63 -3.91
CA ALA A 154 -13.93 12.03 -4.19
C ALA A 154 -14.85 10.54 -4.08
C ALA A 154 -14.87 10.84 -4.32
N VAL A 155 -16.12 10.89 -3.80
N VAL A 155 -16.10 10.98 -3.83
CA VAL A 155 -17.25 9.98 -3.92
CA VAL A 155 -17.11 9.93 -3.82
C VAL A 155 -18.16 10.53 -5.01
C VAL A 155 -18.21 10.32 -4.82
N PHE A 156 -18.29 9.77 -6.11
N PHE A 156 -18.42 9.45 -5.81
CA PHE A 156 -19.06 10.26 -7.25
CA PHE A 156 -19.21 9.82 -6.98
C PHE A 156 -20.54 10.40 -6.92
C PHE A 156 -20.70 9.97 -6.66
N ASP A 157 -21.12 9.39 -6.30
N ASP A 157 -21.24 9.15 -5.75
CA ASP A 157 -22.56 9.32 -6.10
CA ASP A 157 -22.68 9.10 -5.52
C ASP A 157 -22.96 10.21 -4.93
C ASP A 157 -23.06 9.93 -4.31
N LYS A 158 -23.85 11.18 -5.18
N LYS A 158 -23.94 10.92 -4.51
CA LYS A 158 -24.26 12.08 -4.11
CA LYS A 158 -24.29 11.83 -3.42
C LYS A 158 -25.00 11.31 -3.02
C LYS A 158 -25.00 11.10 -2.28
N ASN A 159 -25.89 10.40 -3.40
N ASN A 159 -25.99 10.27 -2.61
CA ASN A 159 -26.60 9.62 -2.40
CA ASN A 159 -26.70 9.53 -1.57
C ASN A 159 -25.63 8.82 -1.54
C ASN A 159 -25.74 8.65 -0.77
N LEU A 160 -24.63 8.20 -2.15
N LEU A 160 -24.77 8.04 -1.46
CA LEU A 160 -23.68 7.43 -1.36
CA LEU A 160 -23.72 7.29 -0.78
C LEU A 160 -22.89 8.31 -0.40
C LEU A 160 -22.81 8.23 0.01
N TYR A 161 -22.51 9.50 -0.85
N TYR A 161 -22.33 9.30 -0.64
CA TYR A 161 -21.72 10.40 -0.02
CA TYR A 161 -21.61 10.35 0.09
C TYR A 161 -22.43 10.73 1.30
C TYR A 161 -22.42 10.83 1.28
N ASP A 162 -23.74 11.01 1.25
N ASP A 162 -23.67 11.25 1.03
CA ASP A 162 -24.44 11.42 2.46
CA ASP A 162 -24.56 11.60 2.13
C ASP A 162 -24.52 10.29 3.49
C ASP A 162 -24.64 10.46 3.13
N LYS A 163 -24.62 9.05 3.02
N LYS A 163 -24.85 9.24 2.65
CA LYS A 163 -24.73 7.91 3.93
CA LYS A 163 -24.83 8.08 3.54
C LYS A 163 -23.41 7.65 4.65
C LYS A 163 -23.45 7.89 4.16
N LEU A 164 -22.28 7.79 3.95
N LEU A 164 -22.39 8.09 3.38
CA LEU A 164 -20.97 7.60 4.57
CA LEU A 164 -21.04 7.96 3.92
C LEU A 164 -20.74 8.61 5.67
C LEU A 164 -20.77 9.03 4.98
N VAL A 165 -21.11 9.87 5.43
N VAL A 165 -21.15 10.28 4.69
CA VAL A 165 -20.94 10.92 6.42
CA VAL A 165 -20.96 11.34 5.67
C VAL A 165 -21.83 10.66 7.63
C VAL A 165 -21.86 11.12 6.88
N SER A 166 -23.12 10.46 7.38
N SER A 166 -23.16 10.92 6.62
CA SER A 166 -24.08 10.34 8.47
CA SER A 166 -24.12 10.87 7.72
C SER A 166 -23.84 9.08 9.29
C SER A 166 -23.86 9.69 8.64
N SER A 167 -23.27 8.05 8.68
N SER A 167 -23.29 8.61 8.13
CA SER A 167 -22.98 6.79 9.35
CA SER A 167 -23.05 7.43 8.95
C SER A 167 -21.56 6.74 9.90
C SER A 167 -21.61 7.34 9.45
N PHE A 168 -20.79 7.81 9.78
N PHE A 168 -20.72 8.25 9.03
CA PHE A 168 -19.37 7.75 10.14
CA PHE A 168 -19.33 8.17 9.44
C PHE A 168 -19.21 7.79 11.65
C PHE A 168 -19.22 8.33 10.94
N LEU A 169 -18.42 6.85 12.17
N LEU A 169 -18.42 7.46 11.56
CA LEU A 169 -18.16 6.82 13.59
CA LEU A 169 -18.24 7.53 13.00
C LEU A 169 -16.82 7.47 13.88
C LEU A 169 -16.89 8.11 13.36
N SER B 1 10.93 -30.44 -4.40
CA SER B 1 11.94 -29.63 -3.70
C SER B 1 11.36 -29.02 -2.42
N MET B 2 12.27 -28.70 -1.51
N MET B 2 12.26 -28.68 -1.51
CA MET B 2 11.93 -28.19 -0.19
CA MET B 2 11.90 -28.19 -0.18
C MET B 2 12.20 -26.70 -0.15
C MET B 2 12.20 -26.70 -0.11
N VAL B 3 11.15 -25.90 0.03
CA VAL B 3 11.27 -24.46 0.12
C VAL B 3 10.40 -23.99 1.29
N ASN B 4 10.74 -22.82 1.80
CA ASN B 4 10.04 -22.25 2.95
C ASN B 4 9.90 -23.30 4.06
N SER B 5 10.99 -24.00 4.35
CA SER B 5 11.00 -25.03 5.39
C SER B 5 11.60 -24.41 6.64
N PHE B 6 10.76 -23.67 7.36
CA PHE B 6 11.14 -23.03 8.60
C PHE B 6 11.00 -24.03 9.74
N SER B 7 12.04 -24.14 10.56
CA SER B 7 12.07 -25.11 11.64
C SER B 7 12.62 -24.48 12.90
N GLY B 8 11.98 -24.78 14.03
CA GLY B 8 12.46 -24.32 15.31
C GLY B 8 12.10 -22.90 15.67
N TYR B 9 11.02 -22.37 15.10
CA TYR B 9 10.59 -21.01 15.41
C TYR B 9 9.59 -21.01 16.55
N LEU B 10 9.67 -19.97 17.36
CA LEU B 10 8.74 -19.74 18.45
C LEU B 10 7.60 -18.86 17.95
N LYS B 11 6.37 -19.31 18.17
CA LYS B 11 5.20 -18.55 17.77
C LYS B 11 5.01 -17.40 18.77
N LEU B 12 4.93 -16.17 18.25
CA LEU B 12 4.55 -15.01 19.06
C LEU B 12 3.09 -14.64 18.85
N THR B 13 2.65 -14.54 17.60
CA THR B 13 1.26 -14.35 17.25
C THR B 13 0.94 -15.39 16.17
N ASP B 14 -0.30 -15.37 15.70
N ASP B 14 -0.31 -15.37 15.69
CA ASP B 14 -0.69 -16.33 14.67
CA ASP B 14 -0.72 -16.32 14.67
C ASP B 14 0.21 -16.25 13.45
C ASP B 14 0.10 -16.20 13.40
N ASN B 15 0.78 -15.07 13.16
CA ASN B 15 1.55 -14.87 11.95
C ASN B 15 3.00 -14.44 12.14
N VAL B 16 3.45 -14.18 13.37
CA VAL B 16 4.81 -13.74 13.63
C VAL B 16 5.52 -14.82 14.44
N TYR B 17 6.65 -15.28 13.91
CA TYR B 17 7.47 -16.32 14.50
C TYR B 17 8.90 -15.79 14.66
N ILE B 18 9.64 -16.34 15.62
CA ILE B 18 10.95 -15.82 15.93
C ILE B 18 11.90 -16.95 16.27
N LYS B 19 13.17 -16.78 15.90
CA LYS B 19 14.19 -17.80 16.12
C LYS B 19 15.54 -17.12 16.35
N ASN B 20 16.35 -17.72 17.23
CA ASN B 20 17.72 -17.26 17.43
C ASN B 20 18.59 -17.92 16.37
N ALA B 21 19.02 -17.15 15.37
CA ALA B 21 19.71 -17.73 14.23
C ALA B 21 20.39 -16.64 13.40
N ASP B 22 21.37 -17.09 12.63
CA ASP B 22 22.06 -16.28 11.63
C ASP B 22 21.22 -16.28 10.35
N ILE B 23 20.76 -15.10 9.93
CA ILE B 23 19.80 -15.02 8.83
C ILE B 23 20.38 -15.58 7.53
N VAL B 24 21.69 -15.47 7.31
CA VAL B 24 22.30 -16.04 6.11
C VAL B 24 22.24 -17.56 6.17
N GLU B 25 22.66 -18.14 7.31
CA GLU B 25 22.57 -19.58 7.45
C GLU B 25 21.13 -20.04 7.38
N GLU B 26 20.21 -19.28 7.96
N GLU B 26 20.20 -19.29 7.97
CA GLU B 26 18.79 -19.64 7.90
CA GLU B 26 18.79 -19.64 7.90
C GLU B 26 18.30 -19.64 6.46
C GLU B 26 18.30 -19.64 6.46
N ALA B 27 18.64 -18.59 5.71
CA ALA B 27 18.21 -18.53 4.32
C ALA B 27 18.70 -19.74 3.53
N LYS B 28 19.95 -20.15 3.74
CA LYS B 28 20.48 -21.28 2.98
C LYS B 28 19.81 -22.58 3.36
N LYS B 29 19.36 -22.72 4.61
N LYS B 29 19.35 -22.71 4.60
CA LYS B 29 18.69 -23.94 5.04
CA LYS B 29 18.69 -23.93 5.06
C LYS B 29 17.20 -23.93 4.74
C LYS B 29 17.19 -23.94 4.78
N VAL B 30 16.52 -22.80 4.97
CA VAL B 30 15.07 -22.73 4.79
C VAL B 30 14.67 -22.67 3.32
N LYS B 31 15.54 -22.13 2.47
N LYS B 31 15.54 -22.13 2.48
CA LYS B 31 15.24 -21.88 1.07
CA LYS B 31 15.24 -21.87 1.08
C LYS B 31 13.96 -21.05 0.90
C LYS B 31 13.95 -21.06 0.93
N PRO B 32 13.90 -19.85 1.45
CA PRO B 32 12.67 -19.06 1.42
C PRO B 32 12.44 -18.43 0.06
N THR B 33 11.15 -18.21 -0.23
CA THR B 33 10.78 -17.42 -1.40
C THR B 33 11.31 -15.99 -1.27
N VAL B 34 11.26 -15.42 -0.07
CA VAL B 34 11.62 -14.02 0.15
C VAL B 34 12.51 -13.93 1.39
N VAL B 35 13.69 -13.35 1.24
CA VAL B 35 14.46 -12.86 2.38
C VAL B 35 14.43 -11.34 2.36
N VAL B 36 14.22 -10.74 3.53
CA VAL B 36 14.20 -9.29 3.67
C VAL B 36 15.59 -8.80 4.00
N ASN B 37 16.02 -7.75 3.29
CA ASN B 37 17.24 -7.03 3.62
C ASN B 37 16.90 -5.75 4.37
N ALA B 38 17.70 -5.46 5.40
CA ALA B 38 17.67 -4.18 6.12
C ALA B 38 18.48 -3.18 5.31
N ALA B 39 17.81 -2.63 4.29
CA ALA B 39 18.44 -1.79 3.28
C ALA B 39 18.42 -0.32 3.67
N ASN B 40 19.21 0.47 2.93
CA ASN B 40 19.13 1.92 2.93
C ASN B 40 18.69 2.40 1.55
N VAL B 41 18.43 3.71 1.44
CA VAL B 41 17.76 4.22 0.24
C VAL B 41 18.59 4.04 -1.03
N TYR B 42 19.91 4.01 -0.91
CA TYR B 42 20.77 3.83 -2.08
C TYR B 42 21.26 2.39 -2.23
N LEU B 43 20.70 1.47 -1.46
CA LEU B 43 21.02 0.04 -1.57
C LEU B 43 22.54 -0.18 -1.50
N LYS B 44 23.19 0.52 -0.57
CA LYS B 44 24.61 0.36 -0.30
C LYS B 44 24.74 -0.59 0.88
N HIS B 45 25.12 -1.83 0.59
CA HIS B 45 25.02 -2.92 1.56
C HIS B 45 26.33 -3.05 2.33
N GLY B 46 26.55 -2.08 3.21
CA GLY B 46 27.81 -1.97 3.93
C GLY B 46 27.95 -2.78 5.20
N GLY B 47 26.97 -2.72 6.08
CA GLY B 47 27.13 -3.26 7.43
C GLY B 47 25.92 -4.08 7.85
N GLY B 48 26.01 -4.64 9.06
CA GLY B 48 24.88 -5.37 9.62
C GLY B 48 24.36 -6.43 8.66
N VAL B 49 23.02 -6.55 8.62
CA VAL B 49 22.38 -7.58 7.81
C VAL B 49 22.73 -7.41 6.34
N ALA B 50 22.66 -6.17 5.84
CA ALA B 50 22.89 -5.96 4.42
C ALA B 50 24.30 -6.37 4.02
N GLY B 51 25.29 -6.02 4.83
CA GLY B 51 26.65 -6.44 4.53
C GLY B 51 26.77 -7.95 4.51
N ALA B 52 26.13 -8.63 5.45
CA ALA B 52 26.21 -10.08 5.49
C ALA B 52 25.53 -10.73 4.31
N LEU B 53 24.33 -10.26 3.94
CA LEU B 53 23.65 -10.83 2.78
C LEU B 53 24.47 -10.61 1.52
N ASN B 54 24.97 -9.39 1.33
CA ASN B 54 25.73 -9.12 0.12
C ASN B 54 26.99 -9.98 0.06
N LYS B 55 27.70 -10.10 1.18
CA LYS B 55 28.90 -10.94 1.21
C LYS B 55 28.57 -12.38 0.82
N ALA B 56 27.43 -12.89 1.30
CA ALA B 56 27.05 -14.26 0.96
C ALA B 56 26.86 -14.42 -0.54
N THR B 57 26.41 -13.38 -1.23
CA THR B 57 26.23 -13.43 -2.67
C THR B 57 27.50 -13.11 -3.44
N ASN B 58 28.63 -12.98 -2.76
CA ASN B 58 29.90 -12.64 -3.41
C ASN B 58 29.78 -11.34 -4.20
N ASN B 59 29.08 -10.36 -3.62
CA ASN B 59 28.92 -9.00 -4.13
C ASN B 59 27.93 -8.93 -5.29
N ALA B 60 27.32 -10.04 -5.71
CA ALA B 60 26.35 -9.99 -6.80
C ALA B 60 25.16 -9.10 -6.45
N MET B 61 24.75 -9.14 -5.18
CA MET B 61 23.65 -8.29 -4.73
C MET B 61 24.00 -6.81 -4.91
N GLN B 62 25.23 -6.42 -4.58
CA GLN B 62 25.61 -5.01 -4.71
C GLN B 62 25.65 -4.59 -6.18
N VAL B 63 26.19 -5.43 -7.05
CA VAL B 63 26.24 -5.08 -8.48
C VAL B 63 24.82 -4.89 -9.01
N GLU B 64 23.94 -5.83 -8.69
CA GLU B 64 22.54 -5.74 -9.12
C GLU B 64 21.88 -4.48 -8.55
N SER B 65 22.18 -4.17 -7.30
CA SER B 65 21.57 -3.02 -6.64
C SER B 65 22.03 -1.71 -7.26
N ASP B 66 23.31 -1.58 -7.59
CA ASP B 66 23.80 -0.35 -8.22
C ASP B 66 23.13 -0.14 -9.57
N ASP B 67 22.93 -1.22 -10.33
CA ASP B 67 22.21 -1.09 -11.59
C ASP B 67 20.76 -0.67 -11.37
N TYR B 68 20.09 -1.25 -10.36
CA TYR B 68 18.74 -0.83 -10.03
C TYR B 68 18.69 0.68 -9.74
N ILE B 69 19.66 1.17 -8.97
CA ILE B 69 19.68 2.58 -8.60
C ILE B 69 19.92 3.46 -9.82
N ALA B 70 20.83 3.05 -10.71
CA ALA B 70 21.06 3.82 -11.92
C ALA B 70 19.77 4.01 -12.71
N THR B 71 18.95 2.98 -12.78
CA THR B 71 17.73 3.03 -13.57
C THR B 71 16.58 3.74 -12.84
N ASN B 72 16.49 3.57 -11.53
CA ASN B 72 15.30 3.95 -10.77
C ASN B 72 15.51 5.04 -9.75
N GLY B 73 16.74 5.35 -9.36
CA GLY B 73 16.97 6.29 -8.28
C GLY B 73 16.75 5.67 -6.93
N PRO B 74 17.01 6.42 -5.86
CA PRO B 74 16.92 5.86 -4.51
C PRO B 74 15.49 5.56 -4.10
N LEU B 75 15.37 4.60 -3.19
CA LEU B 75 14.11 4.30 -2.53
C LEU B 75 13.74 5.43 -1.59
N LYS B 76 12.48 5.40 -1.12
CA LYS B 76 12.03 6.24 -0.03
C LYS B 76 12.27 5.50 1.29
N VAL B 77 12.62 6.23 2.33
CA VAL B 77 12.56 5.65 3.67
C VAL B 77 11.14 5.19 3.92
N GLY B 78 10.98 3.93 4.34
CA GLY B 78 9.68 3.29 4.46
C GLY B 78 9.28 2.49 3.25
N GLY B 79 10.03 2.57 2.14
CA GLY B 79 9.72 1.85 0.92
C GLY B 79 10.56 0.59 0.76
N SER B 80 10.38 -0.04 -0.41
CA SER B 80 11.05 -1.31 -0.68
C SER B 80 11.15 -1.52 -2.18
N CYS B 81 11.99 -2.48 -2.55
CA CYS B 81 11.99 -3.02 -3.90
C CYS B 81 12.30 -4.50 -3.84
N VAL B 82 11.83 -5.23 -4.85
CA VAL B 82 12.10 -6.67 -4.99
C VAL B 82 13.21 -6.85 -6.01
N LEU B 83 14.28 -7.54 -5.59
CA LEU B 83 15.37 -7.92 -6.47
C LEU B 83 15.63 -9.41 -6.30
N SER B 84 16.64 -9.92 -7.00
CA SER B 84 16.96 -11.33 -6.88
C SER B 84 17.44 -11.67 -5.47
N GLY B 85 17.16 -12.90 -5.05
CA GLY B 85 17.72 -13.44 -3.84
C GLY B 85 18.99 -14.24 -4.02
N HIS B 86 19.52 -14.38 -5.25
CA HIS B 86 20.85 -14.94 -5.48
C HIS B 86 20.93 -16.36 -4.88
N ASN B 87 21.92 -16.65 -4.03
CA ASN B 87 22.06 -17.95 -3.40
C ASN B 87 21.34 -18.04 -2.08
N LEU B 88 20.49 -17.05 -1.76
CA LEU B 88 19.81 -16.98 -0.46
C LEU B 88 18.32 -17.26 -0.53
N ALA B 89 17.66 -16.92 -1.63
CA ALA B 89 16.21 -16.94 -1.69
C ALA B 89 15.83 -16.72 -3.13
N LYS B 90 14.56 -16.98 -3.45
CA LYS B 90 14.09 -16.61 -4.78
C LYS B 90 14.23 -15.11 -4.99
N HIS B 91 13.74 -14.32 -4.02
CA HIS B 91 13.76 -12.87 -4.07
C HIS B 91 14.37 -12.32 -2.80
N CYS B 92 14.98 -11.15 -2.92
CA CYS B 92 15.28 -10.31 -1.77
C CYS B 92 14.38 -9.08 -1.80
N LEU B 93 13.64 -8.88 -0.72
CA LEU B 93 12.84 -7.67 -0.53
C LEU B 93 13.70 -6.69 0.27
N HIS B 94 14.20 -5.65 -0.40
CA HIS B 94 15.02 -4.63 0.24
C HIS B 94 14.08 -3.60 0.85
N VAL B 95 14.03 -3.53 2.18
CA VAL B 95 13.10 -2.65 2.89
C VAL B 95 13.92 -1.63 3.67
N VAL B 96 13.55 -0.35 3.54
CA VAL B 96 14.27 0.73 4.21
C VAL B 96 13.47 1.14 5.44
N GLY B 97 13.91 0.69 6.62
CA GLY B 97 13.42 1.23 7.87
C GLY B 97 14.16 2.50 8.20
N PRO B 98 13.59 3.33 9.06
CA PRO B 98 14.30 4.54 9.51
C PRO B 98 15.55 4.20 10.30
N ASN B 99 16.62 4.95 10.04
CA ASN B 99 17.89 4.81 10.76
C ASN B 99 17.95 5.92 11.81
N VAL B 100 17.68 5.56 13.06
CA VAL B 100 17.69 6.56 14.13
C VAL B 100 19.09 7.11 14.34
N ASN B 101 20.13 6.29 14.12
N ASN B 101 20.12 6.29 14.13
CA ASN B 101 21.50 6.80 14.21
CA ASN B 101 21.49 6.76 14.21
C ASN B 101 21.79 7.85 13.15
C ASN B 101 21.82 7.79 13.13
N LYS B 102 20.95 7.97 12.13
N LYS B 102 20.93 7.97 12.14
CA LYS B 102 21.02 9.05 11.14
CA LYS B 102 21.04 9.05 11.18
C LYS B 102 19.97 10.13 11.40
C LYS B 102 19.98 10.12 11.41
N GLY B 103 19.30 10.08 12.55
CA GLY B 103 18.30 11.08 12.89
C GLY B 103 16.94 10.89 12.25
N GLU B 104 16.75 9.82 11.46
CA GLU B 104 15.49 9.63 10.75
C GLU B 104 14.35 9.33 11.73
N ASP B 105 13.13 9.58 11.26
N ASP B 105 13.13 9.57 11.25
CA ASP B 105 11.94 9.53 12.10
CA ASP B 105 11.94 9.48 12.11
C ASP B 105 11.54 8.08 12.34
C ASP B 105 11.56 8.03 12.33
N ILE B 106 11.53 7.68 13.61
N ILE B 106 11.56 7.60 13.60
CA ILE B 106 11.12 6.33 13.99
CA ILE B 106 11.16 6.25 13.95
C ILE B 106 9.68 6.03 13.60
C ILE B 106 9.71 5.98 13.58
N GLN B 107 8.87 7.06 13.36
N GLN B 107 8.91 7.01 13.36
CA GLN B 107 7.47 6.85 13.00
CA GLN B 107 7.51 6.81 13.02
C GLN B 107 7.33 6.13 11.66
C GLN B 107 7.33 6.14 11.67
N LEU B 108 8.33 6.22 10.79
CA LEU B 108 8.27 5.57 9.48
C LEU B 108 8.44 4.06 9.55
N LEU B 109 8.65 3.51 10.74
CA LEU B 109 8.85 2.07 10.86
C LEU B 109 7.59 1.30 10.50
N LYS B 110 6.41 1.82 10.82
CA LYS B 110 5.18 1.10 10.46
C LYS B 110 5.05 1.00 8.94
N SER B 111 5.29 2.11 8.23
CA SER B 111 5.27 2.08 6.76
C SER B 111 6.24 1.04 6.23
N ALA B 112 7.45 0.97 6.81
CA ALA B 112 8.43 -0.01 6.36
C ALA B 112 7.90 -1.42 6.51
N TYR B 113 7.32 -1.74 7.67
CA TYR B 113 6.79 -3.09 7.87
C TYR B 113 5.60 -3.39 6.95
N GLU B 114 4.84 -2.38 6.55
CA GLU B 114 3.71 -2.62 5.65
C GLU B 114 4.14 -3.29 4.36
N ASN B 115 5.40 -3.09 3.94
CA ASN B 115 5.88 -3.76 2.73
C ASN B 115 5.78 -5.28 2.88
N PHE B 116 5.94 -5.80 4.10
CA PHE B 116 5.92 -7.25 4.28
C PHE B 116 4.58 -7.84 3.88
N ASN B 117 3.49 -7.05 3.98
CA ASN B 117 2.15 -7.57 3.70
C ASN B 117 1.94 -7.90 2.23
N GLN B 118 2.86 -7.52 1.35
CA GLN B 118 2.77 -7.87 -0.05
C GLN B 118 3.34 -9.25 -0.36
N HIS B 119 3.76 -10.01 0.66
CA HIS B 119 4.37 -11.32 0.47
C HIS B 119 3.78 -12.27 1.49
N GLU B 120 3.37 -13.45 1.04
N GLU B 120 3.37 -13.46 1.04
CA GLU B 120 2.64 -14.35 1.93
CA GLU B 120 2.63 -14.36 1.92
C GLU B 120 3.52 -14.90 3.05
C GLU B 120 3.51 -14.93 3.04
N VAL B 121 4.81 -15.10 2.78
CA VAL B 121 5.74 -15.62 3.79
C VAL B 121 7.12 -15.03 3.52
N LEU B 122 7.80 -14.63 4.60
CA LEU B 122 9.11 -13.98 4.51
C LEU B 122 10.01 -14.44 5.65
N LEU B 123 11.31 -14.55 5.35
CA LEU B 123 12.37 -14.61 6.36
C LEU B 123 12.92 -13.20 6.51
N ALA B 124 13.01 -12.69 7.74
CA ALA B 124 13.31 -11.28 7.89
C ALA B 124 14.11 -10.99 9.16
N PRO B 125 14.86 -9.89 9.17
CA PRO B 125 15.38 -9.31 10.42
C PRO B 125 14.38 -8.30 10.95
N LEU B 126 14.62 -7.86 12.19
CA LEU B 126 13.84 -6.75 12.76
C LEU B 126 14.30 -5.44 12.14
N LEU B 127 13.37 -4.71 11.54
CA LEU B 127 13.70 -3.48 10.85
C LEU B 127 14.11 -2.39 11.84
N SER B 128 15.04 -1.56 11.41
CA SER B 128 15.54 -0.41 12.14
C SER B 128 16.29 -0.81 13.41
N ALA B 129 16.52 -2.10 13.63
CA ALA B 129 17.29 -2.58 14.78
C ALA B 129 18.79 -2.51 14.50
N GLY B 130 19.58 -2.86 15.52
CA GLY B 130 21.01 -3.01 15.32
C GLY B 130 21.66 -1.70 14.96
N ILE B 131 22.42 -1.72 13.86
CA ILE B 131 23.16 -0.54 13.42
C ILE B 131 22.25 0.60 13.00
N PHE B 132 20.95 0.34 12.83
CA PHE B 132 20.00 1.40 12.52
C PHE B 132 19.52 2.14 13.77
N GLY B 133 19.76 1.62 14.99
CA GLY B 133 19.64 2.40 16.20
C GLY B 133 18.29 2.41 16.90
N ALA B 134 17.27 1.75 16.36
CA ALA B 134 16.00 1.74 17.07
C ALA B 134 15.99 0.65 18.15
N ASP B 135 15.06 0.80 19.08
CA ASP B 135 14.87 -0.18 20.13
C ASP B 135 14.31 -1.45 19.50
N PRO B 136 15.01 -2.58 19.54
CA PRO B 136 14.47 -3.80 18.93
C PRO B 136 13.16 -4.25 19.54
N ILE B 137 12.94 -3.98 20.83
CA ILE B 137 11.65 -4.29 21.43
C ILE B 137 10.54 -3.52 20.73
N HIS B 138 10.79 -2.25 20.42
CA HIS B 138 9.80 -1.46 19.68
C HIS B 138 9.63 -1.99 18.26
N SER B 139 10.72 -2.38 17.61
CA SER B 139 10.60 -2.89 16.25
C SER B 139 9.75 -4.15 16.23
N LEU B 140 9.93 -5.03 17.22
CA LEU B 140 9.11 -6.23 17.29
C LEU B 140 7.64 -5.85 17.50
N ARG B 141 7.37 -4.88 18.38
CA ARG B 141 6.01 -4.39 18.60
C ARG B 141 5.38 -3.93 17.30
N VAL B 142 6.08 -3.08 16.55
CA VAL B 142 5.53 -2.58 15.29
C VAL B 142 5.33 -3.72 14.31
N CYS B 143 6.28 -4.66 14.27
CA CYS B 143 6.12 -5.82 13.39
C CYS B 143 4.82 -6.55 13.70
N VAL B 144 4.61 -6.90 14.97
CA VAL B 144 3.42 -7.66 15.34
C VAL B 144 2.14 -6.87 15.07
N ASP B 145 2.18 -5.56 15.24
CA ASP B 145 1.00 -4.73 15.08
C ASP B 145 0.76 -4.31 13.64
N THR B 146 1.64 -4.68 12.72
CA THR B 146 1.55 -4.23 11.33
C THR B 146 1.53 -5.36 10.33
N VAL B 147 2.37 -6.37 10.51
CA VAL B 147 2.47 -7.46 9.55
C VAL B 147 1.36 -8.46 9.81
N ARG B 148 0.65 -8.84 8.75
CA ARG B 148 -0.41 -9.83 8.81
C ARG B 148 -0.06 -11.10 8.05
N THR B 149 0.92 -11.04 7.14
CA THR B 149 1.43 -12.22 6.45
C THR B 149 2.41 -12.94 7.38
N ASN B 150 2.91 -14.09 6.93
CA ASN B 150 3.70 -14.96 7.80
C ASN B 150 5.15 -14.52 7.78
N VAL B 151 5.63 -13.97 8.90
CA VAL B 151 6.99 -13.45 9.00
C VAL B 151 7.77 -14.26 10.03
N TYR B 152 8.92 -14.77 9.59
CA TYR B 152 9.85 -15.58 10.37
C TYR B 152 11.07 -14.71 10.65
N LEU B 153 11.20 -14.25 11.89
CA LEU B 153 12.24 -13.31 12.29
C LEU B 153 13.47 -14.07 12.78
N ALA B 154 14.63 -13.67 12.27
CA ALA B 154 15.91 -14.24 12.69
C ALA B 154 16.64 -13.20 13.54
N VAL B 155 16.99 -13.58 14.76
CA VAL B 155 17.71 -12.73 15.69
C VAL B 155 19.03 -13.42 16.01
N PHE B 156 20.14 -12.76 15.66
CA PHE B 156 21.45 -13.40 15.75
C PHE B 156 21.90 -13.62 17.19
N ASP B 157 21.80 -12.61 18.04
CA ASP B 157 22.33 -12.68 19.39
C ASP B 157 21.34 -13.36 20.32
N LYS B 158 21.74 -14.49 20.92
CA LYS B 158 20.89 -15.19 21.88
C LYS B 158 20.41 -14.26 23.00
N ASN B 159 21.26 -13.35 23.45
CA ASN B 159 20.87 -12.48 24.56
C ASN B 159 19.80 -11.46 24.13
N LEU B 160 19.87 -10.96 22.90
CA LEU B 160 18.80 -10.11 22.42
C LEU B 160 17.54 -10.91 22.17
N TYR B 161 17.67 -12.11 21.60
CA TYR B 161 16.52 -13.00 21.41
C TYR B 161 15.78 -13.19 22.73
N ASP B 162 16.51 -13.53 23.79
CA ASP B 162 15.88 -13.76 25.09
C ASP B 162 15.19 -12.50 25.59
N LYS B 163 15.81 -11.33 25.41
CA LYS B 163 15.17 -10.10 25.85
C LYS B 163 13.89 -9.85 25.07
N LEU B 164 13.90 -10.12 23.77
CA LEU B 164 12.72 -9.92 22.94
C LEU B 164 11.59 -10.88 23.34
N VAL B 165 11.92 -12.16 23.49
CA VAL B 165 10.90 -13.16 23.80
C VAL B 165 10.37 -12.95 25.22
N SER B 166 11.29 -12.84 26.19
CA SER B 166 10.88 -12.80 27.60
C SER B 166 10.05 -11.57 27.90
N SER B 167 10.22 -10.48 27.15
CA SER B 167 9.48 -9.25 27.38
C SER B 167 8.27 -9.08 26.48
N PHE B 168 8.07 -9.95 25.49
CA PHE B 168 6.93 -9.77 24.58
C PHE B 168 5.61 -10.00 25.28
N LEU B 169 5.59 -10.92 26.25
CA LEU B 169 4.38 -11.23 27.00
C LEU B 169 4.67 -11.60 28.45
#